data_1X78
#
_entry.id   1X78
#
_cell.length_a   51.891
_cell.length_b   87.507
_cell.length_c   99.493
_cell.angle_alpha   90.00
_cell.angle_beta   90.00
_cell.angle_gamma   90.00
#
_symmetry.space_group_name_H-M   'P 21 21 21'
#
loop_
_entity.id
_entity.type
_entity.pdbx_description
1 polymer 'Estrogen receptor beta'
2 polymer 'STEROID RECEPTOR COACTIVATOR-1'
3 non-polymer [5-HYDROXY-2-(4-HYDROXYPHENYL)-1-BENZOFURAN-7-YL]ACETONITRILE
4 water water
#
loop_
_entity_poly.entity_id
_entity_poly.type
_entity_poly.pdbx_seq_one_letter_code
_entity_poly.pdbx_strand_id
1 'polypeptide(L)'
;DALSPEQLVLTLLEAEPPHVLISRPSAPFTEASMMMSLTKLADKELVHMISWAKKIPGFVELSLFDQVRLLESCWMEVLM
MGLMWRSIDHPGKLIFAPDLVLDRDEGKCVEGILEIFDMLLATTSRFRELKLQHKEYLCVKAMILLNSSMYPLVTATQDA
DSSRKLAHLLNAVTDALVWVIAKSGISSQQQSMRLANLLMLLSHVRHASNKGMEHLLNMKCKNVVPVYDLLLEMLNAHVL
;
A,B
2 'polypeptide(L)' SGSHKLVQLLTTT C,D
#
# COMPACT_ATOMS: atom_id res chain seq x y z
N LEU A 3 0.68 24.76 16.96
CA LEU A 3 0.82 24.92 15.47
C LEU A 3 -0.46 24.45 14.78
N SER A 4 -1.14 25.36 14.11
CA SER A 4 -2.38 25.03 13.41
C SER A 4 -2.10 24.22 12.15
N PRO A 5 -3.12 23.52 11.62
CA PRO A 5 -2.92 22.73 10.41
C PRO A 5 -2.43 23.59 9.26
N GLU A 6 -2.94 24.82 9.18
CA GLU A 6 -2.55 25.75 8.13
C GLU A 6 -1.08 26.12 8.21
N GLN A 7 -0.59 26.30 9.44
CA GLN A 7 0.81 26.65 9.64
C GLN A 7 1.70 25.45 9.38
N LEU A 8 1.20 24.26 9.67
CA LEU A 8 1.96 23.04 9.43
C LEU A 8 2.05 22.81 7.91
N VAL A 9 0.96 23.08 7.21
CA VAL A 9 0.94 22.91 5.77
C VAL A 9 1.93 23.89 5.15
N LEU A 10 1.96 25.12 5.67
CA LEU A 10 2.86 26.14 5.17
C LEU A 10 4.31 25.70 5.35
N THR A 11 4.64 25.09 6.49
CA THR A 11 6.00 24.64 6.69
C THR A 11 6.38 23.52 5.71
N LEU A 12 5.38 22.76 5.26
CA LEU A 12 5.65 21.68 4.29
C LEU A 12 5.98 22.31 2.95
N LEU A 13 5.22 23.33 2.58
CA LEU A 13 5.46 24.04 1.34
C LEU A 13 6.91 24.53 1.36
N GLU A 14 7.34 25.04 2.52
CA GLU A 14 8.69 25.56 2.69
C GLU A 14 9.76 24.47 2.67
N ALA A 15 9.36 23.25 2.99
CA ALA A 15 10.29 22.14 3.01
C ALA A 15 10.44 21.54 1.61
N GLU A 16 9.52 21.91 0.70
CA GLU A 16 9.55 21.39 -0.67
C GLU A 16 10.94 21.44 -1.28
N PRO A 17 11.45 20.30 -1.77
CA PRO A 17 12.78 20.28 -2.37
C PRO A 17 12.75 21.07 -3.69
N PRO A 18 13.92 21.54 -4.15
CA PRO A 18 13.99 22.31 -5.40
C PRO A 18 13.81 21.45 -6.64
N HIS A 19 13.47 22.09 -7.74
CA HIS A 19 13.29 21.40 -9.00
C HIS A 19 14.66 20.88 -9.40
N VAL A 20 14.72 19.61 -9.79
CA VAL A 20 15.99 19.01 -10.16
C VAL A 20 16.07 18.61 -11.62
N LEU A 21 17.24 18.80 -12.21
CA LEU A 21 17.49 18.45 -13.60
C LEU A 21 18.73 17.56 -13.64
N ILE A 22 18.82 16.72 -14.67
CA ILE A 22 19.98 15.84 -14.79
C ILE A 22 21.05 16.38 -15.73
N SER A 23 20.82 17.55 -16.31
CA SER A 23 21.79 18.17 -17.22
C SER A 23 22.07 17.29 -18.42
N ARG A 24 20.99 16.88 -19.09
CA ARG A 24 21.10 16.02 -20.28
C ARG A 24 20.60 16.77 -21.51
N PRO A 25 21.42 16.83 -22.57
CA PRO A 25 21.01 17.53 -23.78
C PRO A 25 19.87 16.76 -24.47
N SER A 26 18.81 17.48 -24.81
CA SER A 26 17.64 16.89 -25.46
C SER A 26 18.02 15.92 -26.58
N ALA A 27 17.51 14.70 -26.49
CA ALA A 27 17.78 13.68 -27.49
C ALA A 27 16.92 12.44 -27.22
N PRO A 28 16.84 11.51 -28.19
CA PRO A 28 16.05 10.28 -28.05
C PRO A 28 16.61 9.41 -26.94
N PHE A 29 15.76 8.60 -26.34
CA PHE A 29 16.17 7.71 -25.26
C PHE A 29 16.37 6.27 -25.67
N THR A 30 17.51 5.71 -25.26
CA THR A 30 17.83 4.32 -25.53
C THR A 30 17.67 3.61 -24.19
N GLU A 31 18.13 2.37 -24.10
CA GLU A 31 17.99 1.63 -22.85
C GLU A 31 19.02 2.07 -21.80
N ALA A 32 20.28 2.19 -22.21
CA ALA A 32 21.34 2.58 -21.31
C ALA A 32 21.20 4.02 -20.83
N SER A 33 20.85 4.92 -21.74
CA SER A 33 20.68 6.32 -21.40
C SER A 33 19.46 6.55 -20.54
N MET A 34 18.47 5.67 -20.64
CA MET A 34 17.26 5.83 -19.84
C MET A 34 17.47 5.41 -18.40
N MET A 35 18.13 4.28 -18.18
CA MET A 35 18.38 3.80 -16.83
C MET A 35 19.44 4.66 -16.14
N MET A 36 20.35 5.18 -16.94
CA MET A 36 21.40 6.03 -16.42
C MET A 36 20.75 7.33 -15.93
N SER A 37 19.80 7.86 -16.69
CA SER A 37 19.11 9.09 -16.30
C SER A 37 18.23 8.92 -15.06
N LEU A 38 17.42 7.86 -15.05
CA LEU A 38 16.55 7.58 -13.93
C LEU A 38 17.31 7.39 -12.62
N THR A 39 18.40 6.63 -12.65
CA THR A 39 19.19 6.41 -11.45
C THR A 39 19.95 7.69 -11.04
N LYS A 40 20.45 8.42 -12.02
CA LYS A 40 21.16 9.66 -11.71
C LYS A 40 20.17 10.64 -11.10
N LEU A 41 18.96 10.69 -11.66
CA LEU A 41 17.93 11.58 -11.15
C LEU A 41 17.55 11.21 -9.73
N ALA A 42 17.26 9.93 -9.52
CA ALA A 42 16.87 9.45 -8.19
C ALA A 42 17.94 9.79 -7.15
N ASP A 43 19.21 9.61 -7.51
CA ASP A 43 20.28 9.90 -6.57
C ASP A 43 20.27 11.37 -6.18
N LYS A 44 20.14 12.26 -7.15
CA LYS A 44 20.10 13.67 -6.82
C LYS A 44 18.88 14.01 -5.96
N GLU A 45 17.72 13.43 -6.28
CA GLU A 45 16.52 13.72 -5.52
C GLU A 45 16.56 13.19 -4.10
N LEU A 46 17.30 12.11 -3.90
CA LEU A 46 17.45 11.50 -2.58
C LEU A 46 18.13 12.47 -1.62
N VAL A 47 19.12 13.20 -2.12
CA VAL A 47 19.79 14.16 -1.26
C VAL A 47 18.80 15.22 -0.81
N HIS A 48 18.04 15.77 -1.74
CA HIS A 48 17.03 16.79 -1.41
C HIS A 48 15.91 16.24 -0.54
N MET A 49 15.65 14.94 -0.63
CA MET A 49 14.58 14.33 0.17
C MET A 49 14.95 14.34 1.65
N ILE A 50 16.24 14.12 1.93
CA ILE A 50 16.72 14.11 3.31
C ILE A 50 16.49 15.48 3.92
N SER A 51 16.92 16.53 3.21
CA SER A 51 16.73 17.90 3.67
C SER A 51 15.25 18.18 3.88
N TRP A 52 14.44 17.73 2.94
CA TRP A 52 12.99 17.90 3.00
C TRP A 52 12.41 17.35 4.30
N ALA A 53 12.75 16.09 4.61
CA ALA A 53 12.25 15.43 5.82
C ALA A 53 12.63 16.16 7.08
N LYS A 54 13.88 16.59 7.17
CA LYS A 54 14.38 17.32 8.33
C LYS A 54 13.63 18.63 8.54
N LYS A 55 13.00 19.14 7.49
CA LYS A 55 12.25 20.39 7.61
C LYS A 55 10.85 20.15 8.15
N ILE A 56 10.46 18.87 8.21
CA ILE A 56 9.15 18.54 8.73
C ILE A 56 9.25 18.69 10.23
N PRO A 57 8.42 19.57 10.81
CA PRO A 57 8.43 19.81 12.25
C PRO A 57 8.42 18.52 13.04
N GLY A 58 9.40 18.36 13.93
CA GLY A 58 9.47 17.17 14.75
C GLY A 58 10.27 16.00 14.22
N PHE A 59 10.45 15.92 12.90
CA PHE A 59 11.19 14.80 12.34
C PHE A 59 12.59 14.60 12.92
N VAL A 60 13.31 15.69 13.10
CA VAL A 60 14.66 15.60 13.64
C VAL A 60 14.62 15.32 15.14
N GLU A 61 13.43 15.35 15.73
CA GLU A 61 13.29 15.09 17.15
C GLU A 61 13.16 13.59 17.38
N LEU A 62 12.94 12.84 16.31
CA LEU A 62 12.81 11.39 16.39
C LEU A 62 14.18 10.76 16.62
N SER A 63 14.19 9.51 17.07
CA SER A 63 15.45 8.81 17.28
C SER A 63 16.04 8.65 15.89
N LEU A 64 17.37 8.62 15.82
CA LEU A 64 18.07 8.47 14.56
C LEU A 64 17.65 7.17 13.89
N PHE A 65 17.35 6.17 14.72
CA PHE A 65 16.93 4.87 14.21
C PHE A 65 15.63 4.99 13.43
N ASP A 66 14.72 5.83 13.93
CA ASP A 66 13.43 6.02 13.26
C ASP A 66 13.57 6.85 11.98
N GLN A 67 14.32 7.94 12.06
CA GLN A 67 14.53 8.79 10.90
C GLN A 67 15.08 7.96 9.75
N VAL A 68 16.01 7.07 10.06
CA VAL A 68 16.62 6.22 9.05
C VAL A 68 15.67 5.17 8.49
N ARG A 69 14.96 4.47 9.37
CA ARG A 69 14.03 3.44 8.94
C ARG A 69 12.89 4.02 8.11
N LEU A 70 12.39 5.18 8.51
CA LEU A 70 11.30 5.81 7.78
C LEU A 70 11.76 6.20 6.37
N LEU A 71 12.95 6.77 6.26
CA LEU A 71 13.46 7.17 4.95
C LEU A 71 13.86 5.97 4.08
N GLU A 72 14.55 5.00 4.67
CA GLU A 72 14.95 3.83 3.90
C GLU A 72 13.77 3.06 3.35
N SER A 73 12.63 3.11 4.03
CA SER A 73 11.49 2.36 3.53
C SER A 73 10.54 3.08 2.58
N CYS A 74 10.44 4.40 2.67
CA CYS A 74 9.50 5.13 1.82
C CYS A 74 10.06 5.90 0.63
N TRP A 75 11.38 6.04 0.54
CA TRP A 75 11.96 6.84 -0.52
C TRP A 75 11.41 6.66 -1.92
N MET A 76 11.28 5.42 -2.39
CA MET A 76 10.75 5.21 -3.73
C MET A 76 9.31 5.74 -3.85
N GLU A 77 8.48 5.49 -2.84
CA GLU A 77 7.10 5.99 -2.89
C GLU A 77 7.08 7.51 -2.97
N VAL A 78 7.92 8.14 -2.15
CA VAL A 78 8.01 9.60 -2.12
C VAL A 78 8.51 10.12 -3.48
N LEU A 79 9.45 9.42 -4.09
CA LEU A 79 9.94 9.82 -5.39
C LEU A 79 8.80 9.73 -6.40
N MET A 80 8.04 8.64 -6.34
CA MET A 80 6.93 8.42 -7.25
C MET A 80 5.77 9.38 -7.01
N MET A 81 5.56 9.79 -5.76
CA MET A 81 4.48 10.73 -5.46
C MET A 81 4.89 12.07 -6.09
N GLY A 82 6.19 12.39 -6.02
CA GLY A 82 6.65 13.62 -6.62
C GLY A 82 6.49 13.55 -8.14
N LEU A 83 6.82 12.39 -8.71
CA LEU A 83 6.68 12.21 -10.15
C LEU A 83 5.24 12.44 -10.60
N MET A 84 4.28 11.88 -9.85
CA MET A 84 2.87 12.00 -10.21
C MET A 84 2.33 13.41 -10.12
N TRP A 85 2.82 14.20 -9.16
CA TRP A 85 2.35 15.56 -9.03
C TRP A 85 2.90 16.42 -10.18
N ARG A 86 4.10 16.08 -10.65
CA ARG A 86 4.69 16.85 -11.75
C ARG A 86 4.06 16.47 -13.08
N SER A 87 3.55 15.24 -13.16
CA SER A 87 2.95 14.73 -14.39
C SER A 87 1.44 14.98 -14.50
N ILE A 88 0.84 15.45 -13.40
CA ILE A 88 -0.59 15.68 -13.35
C ILE A 88 -1.16 16.53 -14.49
N ASP A 89 -0.50 17.64 -14.80
CA ASP A 89 -0.96 18.51 -15.89
C ASP A 89 -0.37 18.12 -17.23
N HIS A 90 -0.08 16.84 -17.44
CA HIS A 90 0.49 16.40 -18.72
C HIS A 90 0.05 14.97 -19.02
N PRO A 91 -1.26 14.76 -19.23
CA PRO A 91 -1.76 13.40 -19.52
C PRO A 91 -0.93 12.61 -20.51
N GLY A 92 -0.64 11.36 -20.17
CA GLY A 92 0.14 10.50 -21.03
C GLY A 92 1.64 10.53 -20.85
N LYS A 93 2.15 11.51 -20.09
CA LYS A 93 3.60 11.62 -19.88
C LYS A 93 4.03 11.54 -18.43
N LEU A 94 5.25 11.05 -18.21
CA LEU A 94 5.79 10.96 -16.88
C LEU A 94 6.90 12.00 -16.82
N ILE A 95 6.66 13.07 -16.08
CA ILE A 95 7.63 14.14 -15.95
C ILE A 95 8.62 13.87 -14.83
N PHE A 96 9.58 13.00 -15.08
CA PHE A 96 10.58 12.70 -14.05
C PHE A 96 11.37 13.96 -13.74
N ALA A 97 11.67 14.72 -14.80
CA ALA A 97 12.41 15.97 -14.68
C ALA A 97 12.20 16.77 -15.95
N PRO A 98 12.47 18.09 -15.91
CA PRO A 98 12.29 18.92 -17.10
C PRO A 98 13.02 18.33 -18.32
N ASP A 99 14.24 17.82 -18.10
CA ASP A 99 15.04 17.22 -19.15
C ASP A 99 14.92 15.69 -19.22
N LEU A 100 13.91 15.14 -18.54
CA LEU A 100 13.65 13.70 -18.55
C LEU A 100 12.15 13.42 -18.59
N VAL A 101 11.54 13.71 -19.74
CA VAL A 101 10.11 13.49 -19.94
C VAL A 101 9.95 12.25 -20.80
N LEU A 102 9.26 11.26 -20.26
CA LEU A 102 9.08 10.00 -20.95
C LEU A 102 7.66 9.62 -21.31
N ASP A 103 7.55 8.92 -22.44
CA ASP A 103 6.29 8.43 -22.96
C ASP A 103 6.15 6.95 -22.67
N ARG A 104 4.94 6.43 -22.76
CA ARG A 104 4.68 5.02 -22.52
C ARG A 104 5.47 4.14 -23.48
N ASP A 105 5.45 4.50 -24.77
CA ASP A 105 6.17 3.73 -25.77
C ASP A 105 7.65 3.68 -25.49
N GLU A 106 8.22 4.83 -25.10
CA GLU A 106 9.63 4.89 -24.79
C GLU A 106 9.94 3.97 -23.61
N GLY A 107 8.89 3.62 -22.88
CA GLY A 107 9.04 2.73 -21.75
C GLY A 107 9.06 1.29 -22.20
N LYS A 108 9.19 1.07 -23.50
CA LYS A 108 9.24 -0.28 -24.06
C LYS A 108 10.70 -0.61 -24.36
N CYS A 109 11.56 0.39 -24.23
CA CYS A 109 12.98 0.20 -24.48
C CYS A 109 13.65 -0.51 -23.32
N VAL A 110 12.91 -0.72 -22.23
CA VAL A 110 13.46 -1.40 -21.06
C VAL A 110 12.46 -2.43 -20.56
N GLU A 111 12.91 -3.67 -20.48
CA GLU A 111 12.07 -4.77 -20.04
C GLU A 111 11.59 -4.57 -18.60
N GLY A 112 10.30 -4.79 -18.39
CA GLY A 112 9.73 -4.65 -17.06
C GLY A 112 9.36 -3.24 -16.62
N ILE A 113 9.72 -2.23 -17.40
CA ILE A 113 9.39 -0.86 -16.99
C ILE A 113 8.05 -0.35 -17.52
N LEU A 114 7.62 -0.85 -18.67
CA LEU A 114 6.34 -0.43 -19.23
C LEU A 114 5.28 -0.75 -18.18
N GLU A 115 5.45 -1.89 -17.52
CA GLU A 115 4.54 -2.34 -16.48
C GLU A 115 4.31 -1.22 -15.46
N ILE A 116 5.44 -0.76 -14.91
CA ILE A 116 5.33 0.27 -13.90
C ILE A 116 4.89 1.68 -14.34
N PHE A 117 5.26 1.95 -15.61
CA PHE A 117 4.91 3.25 -16.14
C PHE A 117 3.36 3.31 -16.22
N ASP A 118 2.80 2.20 -16.69
CA ASP A 118 1.36 2.08 -16.75
C ASP A 118 0.75 2.27 -15.36
N MET A 119 1.34 1.65 -14.34
CA MET A 119 0.81 1.82 -12.98
C MET A 119 0.84 3.29 -12.57
N LEU A 120 1.97 3.93 -12.82
CA LEU A 120 2.16 5.34 -12.48
C LEU A 120 1.23 6.27 -13.26
N LEU A 121 1.09 6.00 -14.57
CA LEU A 121 0.22 6.83 -15.41
C LEU A 121 -1.24 6.74 -15.00
N ALA A 122 -1.67 5.55 -14.60
CA ALA A 122 -3.04 5.34 -14.19
C ALA A 122 -3.31 6.05 -12.86
N THR A 123 -2.36 5.94 -11.94
CA THR A 123 -2.52 6.57 -10.65
C THR A 123 -2.48 8.10 -10.83
N THR A 124 -1.62 8.56 -11.73
CA THR A 124 -1.51 9.99 -12.00
C THR A 124 -2.85 10.47 -12.58
N SER A 125 -3.35 9.73 -13.56
CA SER A 125 -4.63 10.04 -14.19
C SER A 125 -5.72 10.08 -13.12
N ARG A 126 -5.65 9.15 -12.17
CA ARG A 126 -6.60 9.11 -11.09
C ARG A 126 -6.56 10.38 -10.24
N PHE A 127 -5.35 10.86 -9.91
CA PHE A 127 -5.21 12.06 -9.11
C PHE A 127 -5.73 13.27 -9.88
N ARG A 128 -5.47 13.28 -11.19
CA ARG A 128 -5.91 14.36 -12.06
C ARG A 128 -7.46 14.43 -12.06
N GLU A 129 -8.10 13.27 -12.18
CA GLU A 129 -9.56 13.19 -12.18
C GLU A 129 -10.13 13.79 -10.90
N LEU A 130 -9.37 13.62 -9.80
CA LEU A 130 -9.79 14.12 -8.49
C LEU A 130 -9.39 15.58 -8.32
N LYS A 131 -8.58 16.08 -9.24
CA LYS A 131 -8.12 17.45 -9.20
C LYS A 131 -7.29 17.71 -7.94
N LEU A 132 -6.35 16.82 -7.67
CA LEU A 132 -5.47 16.94 -6.51
C LEU A 132 -4.86 18.34 -6.45
N GLN A 133 -5.02 19.00 -5.30
CA GLN A 133 -4.50 20.35 -5.07
C GLN A 133 -3.10 20.25 -4.48
N HIS A 134 -2.27 21.25 -4.75
CA HIS A 134 -0.90 21.28 -4.27
C HIS A 134 -0.77 21.01 -2.77
N LYS A 135 -1.60 21.67 -1.97
CA LYS A 135 -1.57 21.50 -0.52
C LYS A 135 -1.92 20.08 -0.09
N GLU A 136 -2.76 19.40 -0.86
CA GLU A 136 -3.16 18.03 -0.54
C GLU A 136 -1.94 17.13 -0.81
N TYR A 137 -1.29 17.39 -1.94
CA TYR A 137 -0.11 16.65 -2.35
C TYR A 137 0.94 16.73 -1.25
N LEU A 138 1.07 17.91 -0.65
CA LEU A 138 2.04 18.13 0.42
C LEU A 138 1.77 17.26 1.64
N CYS A 139 0.51 17.21 2.06
CA CYS A 139 0.16 16.41 3.21
C CYS A 139 0.35 14.91 2.92
N VAL A 140 -0.16 14.47 1.78
CA VAL A 140 -0.06 13.07 1.37
C VAL A 140 1.40 12.60 1.31
N LYS A 141 2.26 13.42 0.72
CA LYS A 141 3.66 13.06 0.62
C LYS A 141 4.28 12.95 2.00
N ALA A 142 3.92 13.88 2.90
CA ALA A 142 4.45 13.84 4.25
C ALA A 142 3.96 12.59 4.98
N MET A 143 2.71 12.22 4.72
CA MET A 143 2.12 11.05 5.37
C MET A 143 2.78 9.76 4.91
N ILE A 144 3.14 9.71 3.63
CA ILE A 144 3.81 8.53 3.10
C ILE A 144 5.08 8.28 3.92
N LEU A 145 5.85 9.34 4.16
CA LEU A 145 7.07 9.22 4.95
C LEU A 145 6.79 8.78 6.39
N LEU A 146 5.81 9.40 7.04
CA LEU A 146 5.52 9.07 8.43
C LEU A 146 4.69 7.82 8.66
N ASN A 147 4.08 7.29 7.61
CA ASN A 147 3.25 6.10 7.75
C ASN A 147 3.91 4.83 7.20
N SER A 148 5.20 4.90 6.89
CA SER A 148 5.93 3.75 6.38
C SER A 148 6.56 2.95 7.52
N SER A 149 6.02 3.12 8.72
CA SER A 149 6.51 2.46 9.94
C SER A 149 6.16 0.97 10.09
N MET A 150 6.55 0.14 9.14
CA MET A 150 6.25 -1.29 9.24
C MET A 150 6.89 -1.91 10.47
N ASP A 161 8.30 6.19 23.22
CA ASP A 161 9.15 7.36 23.43
C ASP A 161 9.30 8.14 22.13
N SER A 162 10.11 7.60 21.22
CA SER A 162 10.31 8.22 19.91
C SER A 162 9.04 7.88 19.15
N SER A 163 8.47 6.72 19.49
CA SER A 163 7.25 6.23 18.87
C SER A 163 6.11 7.21 19.07
N ARG A 164 5.91 7.66 20.31
CA ARG A 164 4.85 8.63 20.62
C ARG A 164 5.02 9.86 19.76
N LYS A 165 6.25 10.35 19.68
CA LYS A 165 6.57 11.50 18.85
C LYS A 165 6.08 11.25 17.42
N LEU A 166 6.42 10.08 16.87
CA LEU A 166 6.03 9.71 15.51
C LEU A 166 4.53 9.72 15.29
N ALA A 167 3.80 9.03 16.17
CA ALA A 167 2.35 8.97 16.07
C ALA A 167 1.80 10.38 16.18
N HIS A 168 2.44 11.18 17.02
CA HIS A 168 2.00 12.56 17.20
C HIS A 168 2.14 13.33 15.88
N LEU A 169 3.31 13.19 15.25
CA LEU A 169 3.58 13.86 13.98
C LEU A 169 2.64 13.39 12.89
N LEU A 170 2.53 12.07 12.72
CA LEU A 170 1.65 11.51 11.70
C LEU A 170 0.25 12.07 11.88
N ASN A 171 -0.21 12.15 13.13
CA ASN A 171 -1.54 12.66 13.43
C ASN A 171 -1.65 14.14 13.06
N ALA A 172 -0.58 14.89 13.29
CA ALA A 172 -0.57 16.32 12.95
C ALA A 172 -0.76 16.51 11.43
N VAL A 173 -0.02 15.73 10.64
CA VAL A 173 -0.10 15.81 9.18
C VAL A 173 -1.46 15.35 8.69
N THR A 174 -2.06 14.39 9.38
CA THR A 174 -3.37 13.89 9.00
C THR A 174 -4.42 14.98 9.24
N ASP A 175 -4.24 15.67 10.36
CA ASP A 175 -5.11 16.76 10.76
C ASP A 175 -5.00 17.85 9.70
N ALA A 176 -3.78 18.04 9.18
CA ALA A 176 -3.54 19.05 8.18
C ALA A 176 -4.26 18.73 6.85
N LEU A 177 -4.24 17.47 6.43
CA LEU A 177 -4.91 17.09 5.19
C LEU A 177 -6.44 17.25 5.34
N VAL A 178 -6.97 16.89 6.49
CA VAL A 178 -8.41 17.02 6.75
C VAL A 178 -8.76 18.51 6.64
N TRP A 179 -7.89 19.35 7.18
CA TRP A 179 -8.08 20.79 7.13
C TRP A 179 -8.09 21.29 5.67
N VAL A 180 -7.09 20.91 4.90
CA VAL A 180 -7.02 21.35 3.51
C VAL A 180 -8.33 21.02 2.80
N ILE A 181 -8.83 19.81 3.02
CA ILE A 181 -10.06 19.37 2.39
C ILE A 181 -11.26 20.18 2.86
N ALA A 182 -11.27 20.55 4.14
CA ALA A 182 -12.37 21.34 4.71
C ALA A 182 -12.43 22.75 4.12
N LYS A 183 -11.27 23.29 3.74
CA LYS A 183 -11.20 24.64 3.17
C LYS A 183 -11.76 24.73 1.76
N SER A 184 -11.76 23.62 1.03
CA SER A 184 -12.28 23.60 -0.34
C SER A 184 -13.77 23.94 -0.34
N GLY A 185 -14.34 23.96 0.85
CA GLY A 185 -15.75 24.29 1.00
C GLY A 185 -16.78 23.32 0.41
N ILE A 186 -16.45 22.04 0.30
CA ILE A 186 -17.42 21.07 -0.23
C ILE A 186 -18.19 20.49 0.95
N SER A 187 -19.27 19.77 0.66
CA SER A 187 -20.08 19.17 1.72
C SER A 187 -19.24 18.25 2.59
N SER A 188 -19.73 17.98 3.80
CA SER A 188 -19.05 17.12 4.74
C SER A 188 -18.96 15.71 4.14
N GLN A 189 -20.07 15.27 3.55
CA GLN A 189 -20.13 13.95 2.93
C GLN A 189 -19.05 13.84 1.85
N GLN A 190 -18.91 14.89 1.05
CA GLN A 190 -17.92 14.87 -0.01
C GLN A 190 -16.49 15.12 0.48
N GLN A 191 -16.36 15.57 1.72
CA GLN A 191 -15.05 15.81 2.30
C GLN A 191 -14.49 14.46 2.74
N SER A 192 -15.36 13.60 3.25
CA SER A 192 -15.00 12.26 3.71
C SER A 192 -14.70 11.38 2.50
N MET A 193 -15.52 11.49 1.47
CA MET A 193 -15.34 10.71 0.25
C MET A 193 -14.03 11.12 -0.43
N ARG A 194 -13.71 12.41 -0.37
CA ARG A 194 -12.49 12.89 -0.98
C ARG A 194 -11.27 12.44 -0.17
N LEU A 195 -11.40 12.49 1.16
CA LEU A 195 -10.33 12.08 2.06
C LEU A 195 -10.02 10.60 1.82
N ALA A 196 -11.06 9.80 1.66
CA ALA A 196 -10.90 8.37 1.43
C ALA A 196 -10.32 8.08 0.06
N ASN A 197 -10.79 8.77 -0.96
CA ASN A 197 -10.32 8.56 -2.32
C ASN A 197 -8.84 8.89 -2.45
N LEU A 198 -8.39 9.90 -1.72
CA LEU A 198 -6.98 10.26 -1.78
C LEU A 198 -6.15 9.23 -1.01
N LEU A 199 -6.59 8.86 0.19
CA LEU A 199 -5.83 7.89 0.97
C LEU A 199 -5.82 6.51 0.32
N MET A 200 -6.88 6.17 -0.40
CA MET A 200 -6.94 4.87 -1.07
C MET A 200 -5.94 4.80 -2.23
N LEU A 201 -5.46 5.95 -2.68
CA LEU A 201 -4.51 5.92 -3.78
C LEU A 201 -3.11 5.59 -3.30
N LEU A 202 -2.86 5.79 -2.02
CA LEU A 202 -1.55 5.49 -1.48
C LEU A 202 -1.22 4.00 -1.62
N SER A 203 -2.25 3.15 -1.51
CA SER A 203 -2.03 1.73 -1.68
C SER A 203 -1.39 1.49 -3.04
N HIS A 204 -1.88 2.21 -4.05
CA HIS A 204 -1.36 2.08 -5.41
C HIS A 204 0.05 2.63 -5.55
N VAL A 205 0.36 3.70 -4.81
CA VAL A 205 1.69 4.28 -4.84
C VAL A 205 2.64 3.27 -4.21
N ARG A 206 2.22 2.70 -3.08
CA ARG A 206 3.03 1.70 -2.41
C ARG A 206 3.26 0.51 -3.35
N HIS A 207 2.22 0.11 -4.07
CA HIS A 207 2.34 -1.02 -4.99
C HIS A 207 3.33 -0.74 -6.12
N ALA A 208 3.18 0.41 -6.76
CA ALA A 208 4.07 0.79 -7.86
C ALA A 208 5.48 1.03 -7.35
N SER A 209 5.59 1.27 -6.05
CA SER A 209 6.89 1.50 -5.40
C SER A 209 7.61 0.17 -5.21
N ASN A 210 6.86 -0.84 -4.81
CA ASN A 210 7.44 -2.16 -4.61
C ASN A 210 7.94 -2.74 -5.93
N LYS A 211 7.19 -2.53 -7.00
CA LYS A 211 7.61 -3.03 -8.30
C LYS A 211 8.83 -2.25 -8.78
N GLY A 212 8.83 -0.93 -8.56
CA GLY A 212 9.95 -0.11 -8.97
C GLY A 212 11.23 -0.51 -8.24
N MET A 213 11.11 -0.97 -7.00
CA MET A 213 12.28 -1.38 -6.24
C MET A 213 12.77 -2.71 -6.77
N GLU A 214 11.85 -3.63 -7.00
CA GLU A 214 12.19 -4.94 -7.54
C GLU A 214 12.98 -4.76 -8.83
N HIS A 215 12.46 -3.92 -9.72
CA HIS A 215 13.09 -3.65 -11.00
C HIS A 215 14.48 -3.03 -10.85
N LEU A 216 14.59 -2.01 -10.01
CA LEU A 216 15.87 -1.34 -9.80
C LEU A 216 16.88 -2.30 -9.19
N LEU A 217 16.46 -3.05 -8.19
CA LEU A 217 17.34 -4.02 -7.54
C LEU A 217 17.90 -4.98 -8.60
N ASN A 218 17.05 -5.38 -9.54
CA ASN A 218 17.48 -6.29 -10.59
C ASN A 218 18.54 -5.61 -11.46
N MET A 219 18.30 -4.34 -11.79
CA MET A 219 19.25 -3.59 -12.59
C MET A 219 20.58 -3.47 -11.85
N LYS A 220 20.51 -3.29 -10.54
CA LYS A 220 21.73 -3.17 -9.73
C LYS A 220 22.51 -4.48 -9.75
N CYS A 221 21.83 -5.58 -9.44
CA CYS A 221 22.47 -6.90 -9.43
C CYS A 221 23.17 -7.21 -10.76
N LYS A 222 22.73 -6.55 -11.82
CA LYS A 222 23.32 -6.76 -13.15
C LYS A 222 24.38 -5.72 -13.49
N ASN A 223 24.65 -4.82 -12.55
CA ASN A 223 25.64 -3.76 -12.73
C ASN A 223 25.43 -3.00 -14.03
N VAL A 224 24.16 -2.86 -14.41
CA VAL A 224 23.76 -2.16 -15.62
C VAL A 224 23.58 -0.66 -15.38
N VAL A 225 23.59 -0.27 -14.11
CA VAL A 225 23.43 1.14 -13.74
C VAL A 225 24.63 1.63 -12.94
N PRO A 226 25.19 2.79 -13.32
CA PRO A 226 26.35 3.34 -12.63
C PRO A 226 26.23 3.35 -11.10
N VAL A 227 27.37 3.43 -10.44
CA VAL A 227 27.40 3.45 -8.98
C VAL A 227 27.02 4.82 -8.41
N TYR A 228 25.93 4.85 -7.67
CA TYR A 228 25.45 6.06 -7.02
C TYR A 228 25.32 5.71 -5.55
N ASP A 229 26.36 6.03 -4.78
CA ASP A 229 26.41 5.74 -3.36
C ASP A 229 25.11 5.91 -2.55
N LEU A 230 24.58 7.13 -2.48
CA LEU A 230 23.35 7.35 -1.71
C LEU A 230 22.24 6.44 -2.22
N LEU A 231 22.13 6.30 -3.54
CA LEU A 231 21.11 5.43 -4.14
C LEU A 231 21.38 3.95 -3.88
N LEU A 232 22.65 3.55 -3.88
CA LEU A 232 22.99 2.16 -3.63
C LEU A 232 22.63 1.83 -2.19
N GLU A 233 22.95 2.76 -1.28
CA GLU A 233 22.68 2.58 0.12
C GLU A 233 21.17 2.45 0.39
N MET A 234 20.39 3.38 -0.16
CA MET A 234 18.94 3.36 0.01
C MET A 234 18.33 2.08 -0.58
N LEU A 235 18.97 1.56 -1.62
CA LEU A 235 18.47 0.35 -2.26
C LEU A 235 18.75 -0.87 -1.38
N ASN A 236 20.00 -1.05 -0.98
CA ASN A 236 20.38 -2.18 -0.14
C ASN A 236 19.70 -2.10 1.22
N ALA A 237 19.84 -0.95 1.87
CA ALA A 237 19.25 -0.75 3.19
C ALA A 237 17.79 -1.15 3.18
N HIS A 238 17.11 -0.90 2.07
CA HIS A 238 15.71 -1.23 1.94
C HIS A 238 15.47 -2.69 1.51
N VAL A 239 16.18 -3.15 0.47
CA VAL A 239 16.03 -4.52 0.02
C VAL A 239 16.14 -5.42 1.26
N LEU A 240 17.23 -5.26 2.01
CA LEU A 240 17.50 -6.02 3.23
C LEU A 240 16.39 -5.86 4.30
N LEU B 3 -29.46 1.65 -3.25
CA LEU B 3 -28.93 0.83 -2.12
C LEU B 3 -28.28 1.72 -1.05
N SER B 4 -28.95 1.87 0.10
CA SER B 4 -28.40 2.69 1.17
C SER B 4 -27.13 2.04 1.74
N PRO B 5 -26.32 2.80 2.48
CA PRO B 5 -25.09 2.27 3.07
C PRO B 5 -25.38 1.11 4.02
N GLU B 6 -26.42 1.26 4.83
CA GLU B 6 -26.80 0.22 5.79
C GLU B 6 -27.11 -1.09 5.08
N GLN B 7 -27.86 -1.03 3.99
CA GLN B 7 -28.20 -2.23 3.26
C GLN B 7 -26.91 -2.85 2.72
N LEU B 8 -25.98 -2.00 2.29
CA LEU B 8 -24.72 -2.49 1.77
C LEU B 8 -23.95 -3.17 2.89
N VAL B 9 -23.97 -2.56 4.07
CA VAL B 9 -23.26 -3.12 5.22
C VAL B 9 -23.92 -4.43 5.67
N LEU B 10 -25.26 -4.46 5.66
CA LEU B 10 -26.00 -5.65 6.06
C LEU B 10 -25.69 -6.78 5.09
N THR B 11 -25.56 -6.43 3.82
CA THR B 11 -25.25 -7.39 2.77
C THR B 11 -23.84 -7.99 2.95
N LEU B 12 -22.87 -7.16 3.34
CA LEU B 12 -21.51 -7.67 3.54
C LEU B 12 -21.51 -8.56 4.78
N LEU B 13 -22.37 -8.24 5.74
CA LEU B 13 -22.46 -9.02 6.96
C LEU B 13 -22.90 -10.44 6.58
N GLU B 14 -23.95 -10.53 5.76
CA GLU B 14 -24.44 -11.83 5.31
C GLU B 14 -23.41 -12.52 4.43
N ALA B 15 -22.70 -11.73 3.63
CA ALA B 15 -21.69 -12.27 2.73
C ALA B 15 -20.47 -12.86 3.43
N GLU B 16 -20.24 -12.47 4.67
CA GLU B 16 -19.07 -12.98 5.39
C GLU B 16 -18.89 -14.47 5.16
N PRO B 17 -17.66 -14.89 4.89
CA PRO B 17 -17.46 -16.32 4.68
C PRO B 17 -17.44 -17.03 6.03
N PRO B 18 -17.75 -18.33 6.05
CA PRO B 18 -17.75 -19.08 7.31
C PRO B 18 -16.27 -19.33 7.66
N HIS B 19 -15.94 -19.49 8.94
CA HIS B 19 -14.55 -19.75 9.28
C HIS B 19 -14.09 -21.14 8.87
N VAL B 20 -12.99 -21.21 8.14
CA VAL B 20 -12.44 -22.48 7.69
C VAL B 20 -11.78 -23.19 8.87
N LEU B 21 -12.24 -24.40 9.17
CA LEU B 21 -11.68 -25.17 10.26
C LEU B 21 -10.53 -26.02 9.73
N ILE B 22 -9.34 -25.77 10.26
CA ILE B 22 -8.15 -26.52 9.89
C ILE B 22 -7.51 -26.90 11.23
N SER B 23 -7.13 -28.16 11.35
CA SER B 23 -6.53 -28.64 12.59
C SER B 23 -5.01 -28.51 12.64
N ARG B 24 -4.53 -28.01 13.76
CA ARG B 24 -3.11 -27.84 13.99
C ARG B 24 -2.46 -29.21 14.08
N PRO B 25 -1.30 -29.40 13.41
CA PRO B 25 -0.66 -30.71 13.49
C PRO B 25 -0.43 -31.11 14.94
N SER B 26 -0.55 -32.41 15.19
CA SER B 26 -0.37 -32.97 16.52
C SER B 26 1.00 -32.64 17.12
N ALA B 27 2.05 -32.80 16.32
CA ALA B 27 3.40 -32.52 16.78
C ALA B 27 3.76 -31.05 16.62
N PRO B 28 4.84 -30.61 17.30
CA PRO B 28 5.26 -29.21 17.20
C PRO B 28 5.60 -28.95 15.73
N PHE B 29 5.25 -27.75 15.26
CA PHE B 29 5.50 -27.37 13.88
C PHE B 29 6.93 -27.55 13.41
N THR B 30 7.05 -27.89 12.14
CA THR B 30 8.35 -28.01 11.48
C THR B 30 8.17 -27.05 10.33
N GLU B 31 9.25 -26.62 9.69
CA GLU B 31 9.13 -25.69 8.59
C GLU B 31 8.09 -26.19 7.59
N ALA B 32 8.14 -27.49 7.30
CA ALA B 32 7.21 -28.11 6.35
C ALA B 32 5.77 -28.23 6.82
N SER B 33 5.58 -28.68 8.05
CA SER B 33 4.22 -28.86 8.56
C SER B 33 3.52 -27.50 8.71
N MET B 34 4.29 -26.45 9.02
CA MET B 34 3.69 -25.14 9.17
C MET B 34 3.26 -24.58 7.82
N MET B 35 4.14 -24.67 6.84
CA MET B 35 3.84 -24.18 5.49
C MET B 35 2.70 -24.97 4.90
N MET B 36 2.60 -26.23 5.31
CA MET B 36 1.57 -27.13 4.81
C MET B 36 0.20 -26.67 5.30
N SER B 37 0.13 -26.28 6.56
CA SER B 37 -1.12 -25.82 7.17
C SER B 37 -1.53 -24.46 6.62
N LEU B 38 -0.56 -23.57 6.44
CA LEU B 38 -0.83 -22.25 5.93
C LEU B 38 -1.34 -22.30 4.49
N THR B 39 -0.71 -23.15 3.68
CA THR B 39 -1.11 -23.26 2.28
C THR B 39 -2.46 -23.96 2.16
N LYS B 40 -2.65 -25.00 2.96
CA LYS B 40 -3.93 -25.72 2.92
C LYS B 40 -5.04 -24.78 3.39
N LEU B 41 -4.76 -23.99 4.42
CA LEU B 41 -5.75 -23.05 4.95
C LEU B 41 -6.12 -21.98 3.93
N ALA B 42 -5.08 -21.41 3.31
CA ALA B 42 -5.24 -20.38 2.30
C ALA B 42 -6.04 -20.89 1.12
N ASP B 43 -5.74 -22.12 0.69
CA ASP B 43 -6.44 -22.70 -0.44
C ASP B 43 -7.95 -22.78 -0.17
N LYS B 44 -8.31 -23.28 1.01
CA LYS B 44 -9.71 -23.36 1.41
C LYS B 44 -10.38 -21.99 1.53
N GLU B 45 -9.68 -21.01 2.09
CA GLU B 45 -10.28 -19.69 2.23
C GLU B 45 -10.40 -18.98 0.90
N LEU B 46 -9.51 -19.28 -0.03
CA LEU B 46 -9.58 -18.67 -1.35
C LEU B 46 -10.89 -19.07 -2.02
N VAL B 47 -11.31 -20.32 -1.82
CA VAL B 47 -12.57 -20.78 -2.40
C VAL B 47 -13.73 -19.98 -1.83
N HIS B 48 -13.73 -19.75 -0.52
CA HIS B 48 -14.82 -18.99 0.10
C HIS B 48 -14.74 -17.53 -0.28
N MET B 49 -13.52 -17.06 -0.53
CA MET B 49 -13.30 -15.67 -0.89
C MET B 49 -13.98 -15.40 -2.23
N ILE B 50 -13.87 -16.35 -3.16
CA ILE B 50 -14.49 -16.19 -4.47
C ILE B 50 -15.97 -16.00 -4.29
N SER B 51 -16.58 -16.84 -3.46
CA SER B 51 -18.02 -16.76 -3.20
C SER B 51 -18.35 -15.44 -2.55
N TRP B 52 -17.52 -15.02 -1.59
CA TRP B 52 -17.73 -13.76 -0.90
C TRP B 52 -17.69 -12.58 -1.89
N ALA B 53 -16.73 -12.60 -2.84
CA ALA B 53 -16.61 -11.53 -3.82
C ALA B 53 -17.88 -11.38 -4.68
N LYS B 54 -18.43 -12.49 -5.14
CA LYS B 54 -19.64 -12.48 -5.96
C LYS B 54 -20.85 -11.91 -5.20
N LYS B 55 -20.75 -11.83 -3.88
CA LYS B 55 -21.85 -11.30 -3.08
C LYS B 55 -21.75 -9.80 -2.88
N ILE B 56 -20.59 -9.23 -3.19
CA ILE B 56 -20.42 -7.79 -3.05
C ILE B 56 -21.26 -7.12 -4.14
N PRO B 57 -22.25 -6.33 -3.75
CA PRO B 57 -23.14 -5.63 -4.69
C PRO B 57 -22.44 -5.00 -5.89
N GLY B 58 -22.81 -5.46 -7.08
CA GLY B 58 -22.24 -4.91 -8.30
C GLY B 58 -20.97 -5.57 -8.78
N PHE B 59 -20.36 -6.39 -7.92
CA PHE B 59 -19.12 -7.06 -8.30
C PHE B 59 -19.29 -7.93 -9.53
N VAL B 60 -20.31 -8.78 -9.53
CA VAL B 60 -20.54 -9.66 -10.67
C VAL B 60 -20.88 -8.87 -11.93
N GLU B 61 -21.27 -7.61 -11.76
CA GLU B 61 -21.60 -6.78 -12.91
C GLU B 61 -20.37 -6.26 -13.65
N LEU B 62 -19.19 -6.37 -13.04
CA LEU B 62 -17.96 -5.93 -13.67
C LEU B 62 -17.64 -6.95 -14.76
N SER B 63 -16.68 -6.67 -15.63
CA SER B 63 -16.35 -7.63 -16.67
C SER B 63 -15.61 -8.79 -16.02
N LEU B 64 -15.66 -9.98 -16.65
CA LEU B 64 -14.98 -11.12 -16.06
C LEU B 64 -13.51 -10.81 -15.84
N PHE B 65 -12.90 -10.15 -16.81
CA PHE B 65 -11.49 -9.81 -16.71
C PHE B 65 -11.15 -8.91 -15.53
N ASP B 66 -12.06 -8.01 -15.18
CA ASP B 66 -11.83 -7.12 -14.04
C ASP B 66 -11.90 -7.92 -12.75
N GLN B 67 -12.89 -8.79 -12.66
CA GLN B 67 -13.09 -9.64 -11.48
C GLN B 67 -11.84 -10.46 -11.21
N VAL B 68 -11.23 -10.99 -12.27
CA VAL B 68 -10.02 -11.79 -12.12
C VAL B 68 -8.86 -10.93 -11.62
N ARG B 69 -8.65 -9.79 -12.28
CA ARG B 69 -7.56 -8.89 -11.92
C ARG B 69 -7.66 -8.45 -10.46
N LEU B 70 -8.87 -8.06 -10.03
CA LEU B 70 -9.06 -7.62 -8.65
C LEU B 70 -8.67 -8.71 -7.65
N LEU B 71 -9.16 -9.92 -7.86
CA LEU B 71 -8.87 -11.03 -6.97
C LEU B 71 -7.40 -11.45 -6.99
N GLU B 72 -6.81 -11.45 -8.18
CA GLU B 72 -5.42 -11.82 -8.35
C GLU B 72 -4.49 -10.86 -7.61
N SER B 73 -4.84 -9.58 -7.64
CA SER B 73 -3.98 -8.62 -7.02
C SER B 73 -4.18 -8.43 -5.52
N CYS B 74 -5.35 -8.74 -4.98
CA CYS B 74 -5.57 -8.49 -3.56
C CYS B 74 -5.83 -9.69 -2.66
N TRP B 75 -5.89 -10.88 -3.23
CA TRP B 75 -6.21 -12.04 -2.41
C TRP B 75 -5.47 -12.17 -1.09
N MET B 76 -4.14 -12.04 -1.11
CA MET B 76 -3.40 -12.20 0.16
C MET B 76 -3.72 -11.08 1.14
N GLU B 77 -3.97 -9.87 0.63
CA GLU B 77 -4.32 -8.72 1.47
C GLU B 77 -5.62 -9.05 2.19
N VAL B 78 -6.56 -9.61 1.43
CA VAL B 78 -7.84 -9.98 1.98
C VAL B 78 -7.65 -11.05 3.04
N LEU B 79 -6.88 -12.10 2.71
CA LEU B 79 -6.64 -13.15 3.67
C LEU B 79 -6.07 -12.57 4.96
N MET B 80 -5.06 -11.71 4.81
CA MET B 80 -4.40 -11.11 5.96
C MET B 80 -5.29 -10.16 6.75
N MET B 81 -6.19 -9.47 6.06
CA MET B 81 -7.11 -8.56 6.73
C MET B 81 -8.00 -9.44 7.61
N GLY B 82 -8.40 -10.59 7.07
CA GLY B 82 -9.22 -11.52 7.83
C GLY B 82 -8.48 -12.05 9.04
N LEU B 83 -7.23 -12.47 8.84
CA LEU B 83 -6.42 -13.00 9.92
C LEU B 83 -6.30 -11.98 11.06
N MET B 84 -6.00 -10.74 10.70
CA MET B 84 -5.86 -9.68 11.71
C MET B 84 -7.13 -9.47 12.50
N TRP B 85 -8.27 -9.47 11.83
CA TRP B 85 -9.52 -9.29 12.52
C TRP B 85 -9.74 -10.43 13.53
N ARG B 86 -9.44 -11.66 13.11
CA ARG B 86 -9.59 -12.83 13.97
C ARG B 86 -8.69 -12.79 15.19
N SER B 87 -7.54 -12.12 15.04
CA SER B 87 -6.56 -12.03 16.12
C SER B 87 -6.66 -10.74 16.93
N ILE B 88 -7.67 -9.92 16.63
CA ILE B 88 -7.85 -8.63 17.29
C ILE B 88 -7.83 -8.64 18.82
N ASP B 89 -8.54 -9.57 19.44
CA ASP B 89 -8.61 -9.66 20.89
C ASP B 89 -7.61 -10.66 21.48
N HIS B 90 -6.49 -10.88 20.79
CA HIS B 90 -5.48 -11.82 21.26
C HIS B 90 -4.07 -11.38 20.96
N PRO B 91 -3.60 -10.30 21.60
CA PRO B 91 -2.25 -9.80 21.37
C PRO B 91 -1.18 -10.90 21.41
N GLY B 92 -0.13 -10.71 20.63
CA GLY B 92 0.95 -11.71 20.58
C GLY B 92 0.52 -13.00 19.92
N LYS B 93 -0.77 -13.09 19.59
CA LYS B 93 -1.33 -14.29 18.97
C LYS B 93 -1.93 -14.01 17.57
N LEU B 94 -1.69 -14.94 16.64
CA LEU B 94 -2.22 -14.82 15.29
C LEU B 94 -3.15 -16.01 15.11
N ILE B 95 -4.45 -15.73 15.06
CA ILE B 95 -5.46 -16.78 14.93
C ILE B 95 -5.76 -17.09 13.45
N PHE B 96 -4.95 -17.93 12.82
CA PHE B 96 -5.18 -18.29 11.43
C PHE B 96 -6.50 -19.03 11.31
N ALA B 97 -6.83 -19.79 12.34
CA ALA B 97 -8.07 -20.56 12.39
C ALA B 97 -8.34 -20.96 13.83
N PRO B 98 -9.56 -21.39 14.14
CA PRO B 98 -9.93 -21.81 15.50
C PRO B 98 -8.87 -22.67 16.19
N ASP B 99 -8.51 -23.80 15.59
CA ASP B 99 -7.49 -24.66 16.19
C ASP B 99 -6.16 -24.54 15.44
N LEU B 100 -5.79 -23.31 15.12
CA LEU B 100 -4.53 -23.06 14.42
C LEU B 100 -4.02 -21.71 14.90
N VAL B 101 -3.84 -21.59 16.21
CA VAL B 101 -3.35 -20.37 16.83
C VAL B 101 -1.84 -20.41 16.90
N LEU B 102 -1.18 -19.53 16.18
CA LEU B 102 0.28 -19.52 16.18
C LEU B 102 0.89 -18.47 17.09
N ASP B 103 1.80 -18.91 17.94
CA ASP B 103 2.49 -18.01 18.84
C ASP B 103 3.49 -17.27 17.96
N ARG B 104 3.75 -16.01 18.27
CA ARG B 104 4.70 -15.22 17.49
C ARG B 104 6.03 -15.96 17.31
N ASP B 105 6.47 -16.62 18.37
CA ASP B 105 7.74 -17.35 18.35
C ASP B 105 7.78 -18.53 17.39
N GLU B 106 6.64 -19.19 17.18
CA GLU B 106 6.58 -20.33 16.28
C GLU B 106 6.94 -19.94 14.86
N GLY B 107 7.04 -18.65 14.61
CA GLY B 107 7.39 -18.18 13.28
C GLY B 107 8.86 -18.40 13.01
N LYS B 108 9.53 -19.12 13.90
CA LYS B 108 10.96 -19.38 13.74
C LYS B 108 11.24 -20.65 12.95
N CYS B 109 10.34 -21.62 13.00
CA CYS B 109 10.56 -22.86 12.28
C CYS B 109 10.46 -22.64 10.77
N VAL B 110 9.98 -21.46 10.37
CA VAL B 110 9.87 -21.14 8.95
C VAL B 110 10.80 -19.98 8.60
N GLU B 111 11.79 -20.28 7.78
CA GLU B 111 12.77 -19.29 7.36
C GLU B 111 12.16 -18.04 6.73
N GLY B 112 12.40 -16.89 7.34
CA GLY B 112 11.91 -15.63 6.82
C GLY B 112 10.44 -15.28 7.02
N ILE B 113 9.73 -16.03 7.87
CA ILE B 113 8.33 -15.73 8.08
C ILE B 113 8.06 -14.94 9.36
N LEU B 114 9.01 -15.00 10.30
CA LEU B 114 8.86 -14.27 11.56
C LEU B 114 8.72 -12.79 11.25
N GLU B 115 9.41 -12.35 10.21
CA GLU B 115 9.36 -10.96 9.79
C GLU B 115 7.90 -10.60 9.49
N ILE B 116 7.28 -11.35 8.57
CA ILE B 116 5.90 -11.12 8.19
C ILE B 116 4.98 -11.21 9.41
N PHE B 117 5.19 -12.23 10.24
CA PHE B 117 4.38 -12.39 11.43
C PHE B 117 4.40 -11.14 12.28
N ASP B 118 5.58 -10.52 12.36
CA ASP B 118 5.72 -9.31 13.15
C ASP B 118 4.92 -8.15 12.61
N MET B 119 5.01 -7.91 11.30
CA MET B 119 4.24 -6.80 10.77
C MET B 119 2.74 -7.09 10.89
N LEU B 120 2.37 -8.37 10.88
CA LEU B 120 0.96 -8.73 11.00
C LEU B 120 0.48 -8.43 12.43
N LEU B 121 1.28 -8.83 13.40
CA LEU B 121 0.95 -8.57 14.81
C LEU B 121 0.91 -7.06 15.07
N ALA B 122 1.84 -6.34 14.45
CA ALA B 122 1.94 -4.89 14.60
C ALA B 122 0.70 -4.15 14.10
N THR B 123 0.26 -4.45 12.88
CA THR B 123 -0.91 -3.81 12.32
C THR B 123 -2.14 -4.16 13.14
N THR B 124 -2.16 -5.41 13.60
CA THR B 124 -3.26 -5.91 14.42
C THR B 124 -3.37 -5.10 15.71
N SER B 125 -2.24 -4.80 16.33
CA SER B 125 -2.21 -4.01 17.57
C SER B 125 -2.71 -2.62 17.28
N ARG B 126 -2.38 -2.11 16.10
CA ARG B 126 -2.81 -0.78 15.73
C ARG B 126 -4.33 -0.81 15.59
N PHE B 127 -4.83 -1.85 14.92
CA PHE B 127 -6.26 -1.99 14.74
C PHE B 127 -6.96 -2.14 16.09
N ARG B 128 -6.32 -2.83 17.03
CA ARG B 128 -6.88 -3.00 18.37
C ARG B 128 -6.89 -1.66 19.08
N GLU B 129 -5.78 -0.94 18.97
CA GLU B 129 -5.61 0.38 19.58
C GLU B 129 -6.73 1.30 19.10
N LEU B 130 -7.09 1.18 17.82
CA LEU B 130 -8.16 2.00 17.25
C LEU B 130 -9.51 1.38 17.57
N LYS B 131 -9.49 0.17 18.11
CA LYS B 131 -10.72 -0.51 18.45
C LYS B 131 -11.61 -0.66 17.22
N LEU B 132 -11.05 -1.25 16.17
CA LEU B 132 -11.78 -1.46 14.92
C LEU B 132 -13.07 -2.24 15.21
N GLN B 133 -14.17 -1.78 14.64
CA GLN B 133 -15.46 -2.44 14.84
C GLN B 133 -15.79 -3.37 13.69
N HIS B 134 -16.65 -4.35 13.97
CA HIS B 134 -17.07 -5.33 12.99
C HIS B 134 -17.57 -4.70 11.69
N LYS B 135 -18.50 -3.77 11.78
CA LYS B 135 -19.05 -3.11 10.58
C LYS B 135 -17.98 -2.36 9.78
N GLU B 136 -16.98 -1.82 10.48
CA GLU B 136 -15.89 -1.08 9.84
C GLU B 136 -15.04 -2.08 9.09
N TYR B 137 -14.69 -3.16 9.79
CA TYR B 137 -13.90 -4.24 9.23
C TYR B 137 -14.50 -4.75 7.90
N LEU B 138 -15.79 -5.06 7.89
CA LEU B 138 -16.46 -5.55 6.68
C LEU B 138 -16.25 -4.61 5.51
N CYS B 139 -16.46 -3.31 5.74
CA CYS B 139 -16.32 -2.28 4.71
C CYS B 139 -14.91 -2.21 4.18
N VAL B 140 -13.94 -2.15 5.12
CA VAL B 140 -12.53 -2.08 4.76
C VAL B 140 -12.10 -3.26 3.92
N LYS B 141 -12.52 -4.47 4.29
CA LYS B 141 -12.13 -5.66 3.55
C LYS B 141 -12.63 -5.60 2.10
N ALA B 142 -13.84 -5.10 1.91
CA ALA B 142 -14.42 -4.97 0.58
C ALA B 142 -13.71 -3.86 -0.17
N MET B 143 -13.26 -2.83 0.54
CA MET B 143 -12.55 -1.74 -0.10
C MET B 143 -11.22 -2.26 -0.62
N ILE B 144 -10.60 -3.14 0.15
CA ILE B 144 -9.32 -3.74 -0.26
C ILE B 144 -9.49 -4.41 -1.63
N LEU B 145 -10.56 -5.19 -1.79
CA LEU B 145 -10.82 -5.87 -3.04
C LEU B 145 -11.14 -4.90 -4.19
N LEU B 146 -12.05 -3.95 -3.95
CA LEU B 146 -12.47 -2.99 -4.96
C LEU B 146 -11.43 -1.94 -5.32
N ASN B 147 -10.48 -1.67 -4.42
CA ASN B 147 -9.42 -0.68 -4.63
C ASN B 147 -8.14 -1.30 -5.16
N SER B 148 -8.18 -2.58 -5.48
CA SER B 148 -6.97 -3.22 -5.99
C SER B 148 -6.82 -3.10 -7.51
N SER B 149 -7.30 -1.98 -8.07
CA SER B 149 -7.21 -1.74 -9.52
C SER B 149 -5.77 -1.78 -9.99
N MET B 150 -4.96 -2.53 -9.28
CA MET B 150 -3.54 -2.69 -9.57
C MET B 150 -3.39 -3.62 -10.77
N ASP B 161 -19.54 0.30 -19.78
CA ASP B 161 -18.28 0.69 -19.17
C ASP B 161 -18.12 0.04 -17.80
N SER B 162 -17.04 -0.72 -17.63
CA SER B 162 -16.78 -1.43 -16.38
C SER B 162 -15.83 -0.66 -15.45
N SER B 163 -14.87 0.05 -16.03
CA SER B 163 -13.91 0.83 -15.25
C SER B 163 -14.61 1.87 -14.38
N ARG B 164 -15.60 2.54 -14.96
CA ARG B 164 -16.36 3.56 -14.26
C ARG B 164 -17.32 2.92 -13.25
N LYS B 165 -17.70 1.67 -13.52
CA LYS B 165 -18.59 0.93 -12.64
C LYS B 165 -17.83 0.52 -11.39
N LEU B 166 -16.52 0.34 -11.53
CA LEU B 166 -15.66 -0.04 -10.41
C LEU B 166 -15.50 1.14 -9.47
N ALA B 167 -15.24 2.32 -10.04
CA ALA B 167 -15.08 3.52 -9.25
C ALA B 167 -16.36 3.78 -8.46
N HIS B 168 -17.50 3.47 -9.06
CA HIS B 168 -18.78 3.67 -8.42
C HIS B 168 -19.03 2.69 -7.29
N LEU B 169 -18.61 1.44 -7.49
CA LEU B 169 -18.77 0.39 -6.47
C LEU B 169 -17.92 0.73 -5.25
N LEU B 170 -16.72 1.24 -5.51
CA LEU B 170 -15.80 1.61 -4.45
C LEU B 170 -16.36 2.79 -3.66
N ASN B 171 -17.03 3.72 -4.34
CA ASN B 171 -17.60 4.87 -3.63
C ASN B 171 -18.74 4.46 -2.73
N ALA B 172 -19.56 3.52 -3.20
CA ALA B 172 -20.71 3.05 -2.42
C ALA B 172 -20.21 2.40 -1.13
N VAL B 173 -19.16 1.59 -1.23
CA VAL B 173 -18.61 0.93 -0.06
C VAL B 173 -17.93 1.94 0.85
N THR B 174 -17.25 2.91 0.25
CA THR B 174 -16.60 3.95 1.03
C THR B 174 -17.69 4.74 1.74
N ASP B 175 -18.75 5.02 0.99
CA ASP B 175 -19.87 5.76 1.53
C ASP B 175 -20.45 4.99 2.73
N ALA B 176 -20.41 3.67 2.65
CA ALA B 176 -20.93 2.83 3.72
C ALA B 176 -20.02 2.88 4.94
N LEU B 177 -18.71 2.96 4.69
CA LEU B 177 -17.75 3.03 5.79
C LEU B 177 -17.97 4.32 6.56
N VAL B 178 -18.13 5.42 5.81
CA VAL B 178 -18.36 6.75 6.40
C VAL B 178 -19.63 6.73 7.25
N TRP B 179 -20.64 5.97 6.80
CA TRP B 179 -21.91 5.86 7.51
C TRP B 179 -21.71 5.12 8.84
N VAL B 180 -20.99 4.01 8.80
CA VAL B 180 -20.73 3.21 10.00
C VAL B 180 -20.03 4.10 11.03
N ILE B 181 -18.96 4.76 10.62
CA ILE B 181 -18.23 5.65 11.52
C ILE B 181 -19.13 6.75 12.12
N ALA B 182 -20.01 7.32 11.30
CA ALA B 182 -20.91 8.36 11.79
C ALA B 182 -21.82 7.79 12.88
N LYS B 183 -22.25 6.54 12.70
CA LYS B 183 -23.13 5.92 13.67
C LYS B 183 -22.42 5.57 14.97
N SER B 184 -21.18 6.04 15.12
CA SER B 184 -20.44 5.79 16.36
C SER B 184 -20.71 6.99 17.28
N GLY B 185 -21.11 8.10 16.67
CA GLY B 185 -21.43 9.30 17.43
C GLY B 185 -20.30 10.26 17.80
N ILE B 186 -19.12 10.11 17.22
CA ILE B 186 -18.03 11.03 17.55
C ILE B 186 -18.13 12.27 16.67
N SER B 187 -17.49 13.37 17.08
CA SER B 187 -17.57 14.61 16.31
C SER B 187 -17.19 14.38 14.85
N SER B 188 -17.74 15.22 13.99
CA SER B 188 -17.50 15.18 12.56
C SER B 188 -15.99 15.13 12.31
N GLN B 189 -15.25 15.91 13.07
CA GLN B 189 -13.80 15.98 12.97
C GLN B 189 -13.14 14.64 13.23
N GLN B 190 -13.54 14.02 14.34
CA GLN B 190 -12.98 12.73 14.73
C GLN B 190 -13.43 11.64 13.78
N GLN B 191 -14.49 11.89 13.03
CA GLN B 191 -14.97 10.91 12.08
C GLN B 191 -13.98 10.94 10.93
N SER B 192 -13.61 12.15 10.52
CA SER B 192 -12.63 12.30 9.44
C SER B 192 -11.35 11.67 9.92
N MET B 193 -10.94 12.02 11.13
CA MET B 193 -9.72 11.48 11.69
C MET B 193 -9.74 9.95 11.79
N ARG B 194 -10.88 9.38 12.18
CA ARG B 194 -10.94 7.92 12.29
C ARG B 194 -10.84 7.29 10.91
N LEU B 195 -11.56 7.85 9.94
CA LEU B 195 -11.53 7.36 8.58
C LEU B 195 -10.10 7.35 8.06
N ALA B 196 -9.36 8.42 8.35
CA ALA B 196 -7.97 8.51 7.91
C ALA B 196 -7.11 7.44 8.58
N ASN B 197 -7.24 7.31 9.89
CA ASN B 197 -6.44 6.33 10.62
C ASN B 197 -6.66 4.90 10.12
N LEU B 198 -7.90 4.59 9.76
CA LEU B 198 -8.21 3.25 9.27
C LEU B 198 -7.61 3.02 7.89
N LEU B 199 -7.87 3.93 6.96
CA LEU B 199 -7.36 3.74 5.60
C LEU B 199 -5.84 3.82 5.50
N MET B 200 -5.19 4.56 6.40
CA MET B 200 -3.74 4.65 6.37
C MET B 200 -3.15 3.26 6.57
N LEU B 201 -3.92 2.36 7.18
CA LEU B 201 -3.45 1.02 7.41
C LEU B 201 -3.54 0.08 6.20
N LEU B 202 -4.21 0.52 5.13
CA LEU B 202 -4.29 -0.33 3.94
C LEU B 202 -2.89 -0.49 3.35
N SER B 203 -2.09 0.56 3.49
CA SER B 203 -0.72 0.54 3.01
C SER B 203 0.08 -0.56 3.69
N HIS B 204 -0.08 -0.65 5.00
CA HIS B 204 0.64 -1.66 5.77
C HIS B 204 0.15 -3.05 5.37
N VAL B 205 -1.15 -3.17 5.12
CA VAL B 205 -1.73 -4.43 4.70
C VAL B 205 -1.17 -4.78 3.33
N ARG B 206 -1.26 -3.84 2.38
CA ARG B 206 -0.74 -4.06 1.04
C ARG B 206 0.74 -4.45 1.09
N HIS B 207 1.45 -3.94 2.08
CA HIS B 207 2.87 -4.23 2.20
C HIS B 207 3.08 -5.66 2.67
N ALA B 208 2.43 -6.02 3.78
CA ALA B 208 2.53 -7.36 4.34
C ALA B 208 2.19 -8.39 3.28
N SER B 209 1.20 -8.07 2.45
CA SER B 209 0.76 -8.94 1.37
C SER B 209 1.87 -9.16 0.34
N ASN B 210 2.59 -8.09 0.02
CA ASN B 210 3.69 -8.15 -0.94
C ASN B 210 4.81 -9.05 -0.42
N LYS B 211 5.04 -9.00 0.89
CA LYS B 211 6.07 -9.84 1.49
C LYS B 211 5.57 -11.27 1.60
N GLY B 212 4.31 -11.44 1.99
CA GLY B 212 3.72 -12.76 2.12
C GLY B 212 3.71 -13.57 0.82
N MET B 213 3.38 -12.93 -0.29
CA MET B 213 3.38 -13.62 -1.56
C MET B 213 4.79 -13.91 -2.05
N GLU B 214 5.72 -12.99 -1.77
CA GLU B 214 7.10 -13.20 -2.17
C GLU B 214 7.60 -14.43 -1.37
N HIS B 215 7.37 -14.40 -0.07
CA HIS B 215 7.76 -15.51 0.82
C HIS B 215 7.18 -16.83 0.33
N LEU B 216 5.91 -16.82 -0.08
CA LEU B 216 5.26 -18.03 -0.57
C LEU B 216 5.89 -18.55 -1.86
N LEU B 217 6.15 -17.66 -2.81
CA LEU B 217 6.76 -18.06 -4.07
C LEU B 217 8.11 -18.70 -3.76
N ASN B 218 8.81 -18.14 -2.79
CA ASN B 218 10.12 -18.64 -2.41
C ASN B 218 10.04 -20.05 -1.82
N MET B 219 9.06 -20.30 -0.96
CA MET B 219 8.93 -21.63 -0.37
C MET B 219 8.60 -22.63 -1.47
N LYS B 220 7.89 -22.19 -2.48
CA LYS B 220 7.53 -23.08 -3.59
C LYS B 220 8.77 -23.45 -4.40
N CYS B 221 9.53 -22.45 -4.83
CA CYS B 221 10.74 -22.70 -5.61
C CYS B 221 11.74 -23.48 -4.78
N LYS B 222 11.66 -23.32 -3.46
CA LYS B 222 12.53 -24.00 -2.51
C LYS B 222 12.11 -25.45 -2.26
N ASN B 223 10.92 -25.81 -2.71
CA ASN B 223 10.40 -27.16 -2.52
C ASN B 223 10.10 -27.42 -1.04
N VAL B 224 9.88 -26.36 -0.28
CA VAL B 224 9.59 -26.45 1.13
C VAL B 224 8.15 -26.92 1.37
N VAL B 225 7.30 -26.73 0.38
CA VAL B 225 5.90 -27.12 0.47
C VAL B 225 5.32 -27.14 -0.95
N PRO B 226 4.36 -28.04 -1.21
CA PRO B 226 3.77 -28.09 -2.56
C PRO B 226 2.66 -27.03 -2.74
N VAL B 227 2.82 -26.19 -3.75
CA VAL B 227 1.84 -25.15 -4.04
C VAL B 227 1.24 -25.39 -5.41
N TYR B 228 -0.03 -25.74 -5.46
CA TYR B 228 -0.66 -26.02 -6.74
C TYR B 228 -2.10 -25.51 -6.87
N ASP B 229 -2.68 -25.77 -8.04
CA ASP B 229 -4.05 -25.41 -8.35
C ASP B 229 -4.46 -23.96 -8.12
N LEU B 230 -5.49 -23.76 -7.33
CA LEU B 230 -6.01 -22.43 -7.06
C LEU B 230 -4.90 -21.54 -6.51
N LEU B 231 -4.30 -21.99 -5.40
CA LEU B 231 -3.23 -21.26 -4.74
C LEU B 231 -2.12 -20.84 -5.69
N LEU B 232 -1.62 -21.78 -6.48
CA LEU B 232 -0.56 -21.48 -7.43
C LEU B 232 -1.01 -20.48 -8.50
N GLU B 233 -2.26 -20.64 -8.94
CA GLU B 233 -2.83 -19.78 -9.97
C GLU B 233 -2.93 -18.33 -9.46
N MET B 234 -3.25 -18.16 -8.18
CA MET B 234 -3.38 -16.84 -7.57
C MET B 234 -2.01 -16.23 -7.30
N LEU B 235 -1.05 -17.09 -6.98
CA LEU B 235 0.31 -16.66 -6.68
C LEU B 235 1.00 -16.08 -7.92
N ASN B 236 0.96 -16.84 -9.01
CA ASN B 236 1.58 -16.40 -10.27
C ASN B 236 0.83 -15.22 -10.88
N ALA B 237 -0.48 -15.22 -10.68
CA ALA B 237 -1.34 -14.18 -11.20
C ALA B 237 -1.14 -12.81 -10.55
N HIS B 238 -0.13 -12.68 -9.70
CA HIS B 238 0.14 -11.40 -9.04
C HIS B 238 1.55 -10.91 -9.34
N VAL B 239 2.49 -11.83 -9.47
CA VAL B 239 3.88 -11.49 -9.78
C VAL B 239 3.92 -11.32 -11.30
N LEU B 240 2.73 -11.46 -11.90
CA LEU B 240 2.50 -11.35 -13.34
C LEU B 240 1.95 -9.97 -13.69
N LYS C 5 26.21 8.08 4.46
CA LYS C 5 25.61 9.01 3.45
C LYS C 5 24.30 9.56 3.99
N LEU C 6 23.31 8.69 4.09
CA LEU C 6 22.01 9.05 4.63
C LEU C 6 22.19 9.60 6.05
N VAL C 7 22.91 8.86 6.87
CA VAL C 7 23.14 9.27 8.24
C VAL C 7 23.91 10.58 8.33
N GLN C 8 24.89 10.79 7.46
CA GLN C 8 25.63 12.04 7.52
C GLN C 8 24.81 13.23 7.05
N LEU C 9 23.90 13.01 6.11
CA LEU C 9 23.05 14.09 5.64
C LEU C 9 21.97 14.41 6.68
N LEU C 10 21.65 13.42 7.50
CA LEU C 10 20.65 13.58 8.56
C LEU C 10 21.23 14.29 9.77
N THR C 11 22.55 14.27 9.88
CA THR C 11 23.22 14.89 11.01
C THR C 11 23.90 16.22 10.70
N THR C 12 23.84 16.64 9.44
CA THR C 12 24.46 17.89 9.00
C THR C 12 23.54 18.67 8.06
N THR C 13 23.84 19.95 7.85
CA THR C 13 23.05 20.79 6.96
C THR C 13 23.91 21.60 5.97
N LYS D 5 -9.60 -22.34 -13.43
CA LYS D 5 -9.84 -22.72 -12.00
C LYS D 5 -10.34 -21.55 -11.17
N LEU D 6 -9.66 -20.42 -11.26
CA LEU D 6 -10.10 -19.22 -10.56
C LEU D 6 -11.33 -18.81 -11.35
N VAL D 7 -11.21 -18.92 -12.66
CA VAL D 7 -12.28 -18.59 -13.58
C VAL D 7 -13.45 -19.55 -13.38
N GLN D 8 -13.16 -20.79 -13.03
CA GLN D 8 -14.20 -21.78 -12.84
C GLN D 8 -15.06 -21.42 -11.63
N LEU D 9 -14.41 -21.07 -10.52
CA LEU D 9 -15.12 -20.71 -9.30
C LEU D 9 -15.92 -19.44 -9.51
N LEU D 10 -15.42 -18.57 -10.36
CA LEU D 10 -16.11 -17.32 -10.64
C LEU D 10 -17.34 -17.51 -11.51
N THR D 11 -17.21 -18.38 -12.52
CA THR D 11 -18.31 -18.61 -13.47
C THR D 11 -19.06 -19.93 -13.36
N THR D 12 -18.43 -20.96 -12.82
CA THR D 12 -19.08 -22.26 -12.74
C THR D 12 -19.66 -22.64 -11.37
N THR D 13 -19.30 -21.92 -10.31
CA THR D 13 -19.82 -22.24 -8.99
C THR D 13 -20.72 -21.14 -8.44
#